data_8PWF
#
_entry.id   8PWF
#
_cell.length_a   65.599
_cell.length_b   65.599
_cell.length_c   264.121
_cell.angle_alpha   90.000
_cell.angle_beta   90.000
_cell.angle_gamma   120.000
#
_symmetry.space_group_name_H-M   'P 65 2 2'
#
loop_
_entity.id
_entity.type
_entity.pdbx_description
1 polymer 'Vitamin D3 receptor A'
2 polymer 'Nuclear receptor coactivator 2'
3 non-polymer (1R,3S,5Z)-4-methylidene-5-[(E)-3-[3-[7,7,7-tris(fluoranyl)-6-oxidanyl-6-(trifluoromethyl)heptyl]phenyl]pent-2-enylidene]cyclohexane-1,3-diol
4 water water
#
loop_
_entity_poly.entity_id
_entity_poly.type
_entity_poly.pdbx_seq_one_letter_code
_entity_poly.pdbx_strand_id
1 'polypeptide(L)'
;GSHMLSDEQMQIINSLVEAHHKTYDDSYSDFVRFRPPVREGPVTRSASRAASLHSLSDASSDSFNHSPESVDTKLNFSNL
LMMYQDSGSPDSSEEDQQSRLSMLPHLADLVSYSIQKVIGFAKMIPGFRDLTAEDQIALLKSSAIEIIMLRSNQSFSLED
MSWSCGGPDFKYCINDVTKAGHTLELLEPLVKFQVGLKKLKLHEEEHVLLMAICLLSPDRPGVQDHVRIEALQDRLCDVL
QAYIRIQHPGGRLLYAKMIQKLADLRSLNEEHSKQYRSLSFQPEHSMQLTPLVLEVFGSEVS
;
A
2 'polypeptide(L)' KHKILHRLLQDSS B
#
# COMPACT_ATOMS: atom_id res chain seq x y z
N HIS A 3 14.83 16.87 -20.52
CA HIS A 3 15.96 17.37 -19.75
C HIS A 3 15.54 18.25 -18.59
N MET A 4 14.22 18.38 -18.38
CA MET A 4 13.67 19.33 -17.42
C MET A 4 12.17 19.08 -17.29
N LEU A 5 11.69 18.86 -16.07
CA LEU A 5 10.28 18.53 -15.88
C LEU A 5 9.39 19.71 -16.24
N SER A 6 8.29 19.41 -16.94
CA SER A 6 7.29 20.41 -17.22
C SER A 6 6.60 20.85 -15.93
N ASP A 7 5.81 21.90 -16.04
CA ASP A 7 4.99 22.34 -14.91
C ASP A 7 4.00 21.26 -14.50
N GLU A 8 3.25 20.73 -15.47
CA GLU A 8 2.26 19.73 -15.14
C GLU A 8 2.90 18.52 -14.47
N GLN A 9 4.11 18.14 -14.89
CA GLN A 9 4.79 17.03 -14.24
C GLN A 9 5.30 17.40 -12.86
N MET A 10 5.55 18.69 -12.65
CA MET A 10 5.89 19.16 -11.31
C MET A 10 4.64 19.21 -10.41
N GLN A 11 3.49 19.63 -10.97
CA GLN A 11 2.29 19.73 -10.16
C GLN A 11 1.82 18.35 -9.72
N ILE A 12 1.98 17.34 -10.57
CA ILE A 12 1.65 15.98 -10.19
C ILE A 12 2.53 15.52 -9.03
N ILE A 13 3.82 15.87 -9.05
CA ILE A 13 4.68 15.53 -7.93
C ILE A 13 4.27 16.29 -6.68
N ASN A 14 4.14 17.61 -6.80
CA ASN A 14 3.77 18.44 -5.66
C ASN A 14 2.52 17.93 -4.96
N SER A 15 1.49 17.62 -5.74
CA SER A 15 0.23 17.26 -5.10
C SER A 15 0.26 15.84 -4.58
N LEU A 16 1.03 14.96 -5.22
CA LEU A 16 1.20 13.61 -4.71
C LEU A 16 2.01 13.59 -3.42
N VAL A 17 3.05 14.42 -3.34
CA VAL A 17 3.86 14.44 -2.13
C VAL A 17 3.05 15.02 -0.97
N GLU A 18 2.21 16.01 -1.26
CA GLU A 18 1.38 16.60 -0.22
C GLU A 18 0.39 15.57 0.33
N ALA A 19 -0.25 14.80 -0.54
CA ALA A 19 -1.23 13.81 -0.10
C ALA A 19 -0.60 12.78 0.81
N HIS A 20 0.61 12.33 0.50
CA HIS A 20 1.27 11.37 1.36
C HIS A 20 1.66 12.00 2.68
N HIS A 21 2.02 13.28 2.69
CA HIS A 21 2.27 13.94 3.95
C HIS A 21 1.01 14.09 4.80
N LYS A 22 -0.17 14.14 4.17
CA LYS A 22 -1.39 14.25 4.95
C LYS A 22 -1.86 12.90 5.45
N THR A 23 -1.49 11.82 4.76
CA THR A 23 -2.02 10.49 5.04
C THR A 23 -1.02 9.58 5.76
N TYR A 24 0.16 10.07 6.11
CA TYR A 24 1.15 9.20 6.74
C TYR A 24 1.80 9.92 7.92
N ASP A 25 1.42 9.51 9.13
CA ASP A 25 2.01 10.07 10.35
C ASP A 25 3.27 9.31 10.71
N ASP A 26 4.41 10.01 10.70
CA ASP A 26 5.69 9.39 11.04
C ASP A 26 5.83 9.07 12.52
N SER A 27 4.94 9.59 13.37
CA SER A 27 4.97 9.31 14.79
C SER A 27 4.16 8.07 15.19
N TYR A 28 3.24 7.62 14.34
CA TYR A 28 2.43 6.43 14.60
C TYR A 28 1.66 6.55 15.92
N SER A 29 1.20 7.77 16.22
CA SER A 29 0.59 8.03 17.51
C SER A 29 -0.83 7.48 17.57
N ASP A 30 -1.54 7.43 16.44
CA ASP A 30 -2.87 6.87 16.42
C ASP A 30 -2.89 5.39 16.76
N PHE A 31 -1.73 4.74 16.91
CA PHE A 31 -1.70 3.31 17.16
C PHE A 31 -2.18 2.97 18.56
N VAL A 32 -2.37 3.97 19.41
CA VAL A 32 -2.89 3.76 20.74
C VAL A 32 -4.42 3.73 20.75
N ARG A 33 -5.05 4.07 19.63
CA ARG A 33 -6.49 3.90 19.51
C ARG A 33 -6.87 2.51 19.05
N PHE A 34 -5.90 1.68 18.67
CA PHE A 34 -6.19 0.33 18.21
C PHE A 34 -6.34 -0.61 19.39
N ARG A 35 -6.98 -1.75 19.13
CA ARG A 35 -7.00 -2.80 20.12
C ARG A 35 -5.55 -3.23 20.38
N PRO A 36 -5.15 -3.37 21.64
CA PRO A 36 -3.73 -3.52 21.93
C PRO A 36 -3.18 -4.81 21.37
N PRO A 37 -1.88 -4.85 21.09
CA PRO A 37 -1.26 -6.12 20.67
C PRO A 37 -1.06 -7.04 21.85
N VAL A 38 -1.12 -8.34 21.57
CA VAL A 38 -0.90 -9.35 22.60
C VAL A 38 0.17 -10.32 22.12
N ARG A 39 1.15 -10.56 22.98
CA ARG A 39 2.22 -11.51 22.73
C ARG A 39 2.48 -12.29 24.02
N ARG A 100 -3.90 -19.60 18.23
CA ARG A 100 -5.05 -18.87 18.77
C ARG A 100 -5.14 -17.44 18.22
N LEU A 101 -4.02 -16.96 17.68
CA LEU A 101 -3.93 -15.72 16.89
C LEU A 101 -4.03 -14.46 17.71
N SER A 102 -3.11 -14.27 18.65
CA SER A 102 -3.24 -13.17 19.60
C SER A 102 -3.16 -11.81 18.92
N MET A 103 -2.39 -11.71 17.82
CA MET A 103 -2.10 -10.42 17.22
C MET A 103 -3.17 -9.95 16.24
N LEU A 104 -4.03 -10.85 15.79
CA LEU A 104 -5.04 -10.51 14.77
C LEU A 104 -5.86 -9.25 15.08
N PRO A 105 -6.36 -9.00 16.30
CA PRO A 105 -7.16 -7.78 16.52
C PRO A 105 -6.38 -6.49 16.33
N HIS A 106 -5.12 -6.44 16.78
CA HIS A 106 -4.33 -5.22 16.58
C HIS A 106 -4.00 -5.02 15.10
N LEU A 107 -3.59 -6.09 14.42
CA LEU A 107 -3.18 -5.96 13.02
C LEU A 107 -4.37 -5.65 12.13
N ALA A 108 -5.52 -6.29 12.41
CA ALA A 108 -6.77 -5.92 11.75
C ALA A 108 -7.05 -4.43 11.93
N ASP A 109 -6.95 -3.94 13.16
CA ASP A 109 -7.14 -2.51 13.39
C ASP A 109 -6.11 -1.70 12.63
N LEU A 110 -4.84 -2.12 12.67
CA LEU A 110 -3.78 -1.35 12.03
C LEU A 110 -4.02 -1.26 10.52
N VAL A 111 -4.30 -2.38 9.89
CA VAL A 111 -4.55 -2.39 8.45
C VAL A 111 -5.81 -1.60 8.12
N SER A 112 -6.83 -1.70 8.98
CA SER A 112 -8.08 -1.00 8.70
C SER A 112 -7.86 0.50 8.69
N TYR A 113 -7.14 1.00 9.69
CA TYR A 113 -6.69 2.39 9.68
C TYR A 113 -5.91 2.70 8.39
N SER A 114 -5.06 1.78 7.95
CA SER A 114 -4.20 2.07 6.79
C SER A 114 -5.03 2.19 5.52
N ILE A 115 -5.95 1.25 5.31
CA ILE A 115 -6.91 1.36 4.22
C ILE A 115 -7.58 2.74 4.21
N GLN A 116 -7.92 3.29 5.39
CA GLN A 116 -8.51 4.63 5.37
C GLN A 116 -7.51 5.66 4.85
N LYS A 117 -6.25 5.52 5.23
CA LYS A 117 -5.22 6.46 4.76
C LYS A 117 -4.99 6.30 3.26
N VAL A 118 -4.94 5.05 2.77
CA VAL A 118 -4.75 4.81 1.34
C VAL A 118 -5.85 5.48 0.52
N ILE A 119 -7.11 5.32 0.97
CA ILE A 119 -8.26 5.94 0.31
C ILE A 119 -8.06 7.45 0.23
N GLY A 120 -7.50 8.03 1.29
CA GLY A 120 -7.26 9.47 1.26
C GLY A 120 -6.17 9.86 0.27
N PHE A 121 -5.11 9.06 0.20
CA PHE A 121 -4.09 9.26 -0.83
C PHE A 121 -4.75 9.23 -2.21
N ALA A 122 -5.53 8.18 -2.46
CA ALA A 122 -6.09 7.94 -3.77
C ALA A 122 -6.88 9.13 -4.26
N LYS A 123 -7.74 9.67 -3.39
CA LYS A 123 -8.61 10.75 -3.82
C LYS A 123 -7.85 11.98 -4.27
N MET A 124 -6.55 12.05 -4.02
CA MET A 124 -5.77 13.22 -4.40
C MET A 124 -4.78 12.97 -5.54
N ILE A 125 -4.60 11.72 -5.95
CA ILE A 125 -3.88 11.37 -7.17
C ILE A 125 -4.55 12.10 -8.32
N PRO A 126 -3.84 12.97 -9.05
CA PRO A 126 -4.46 13.69 -10.17
C PRO A 126 -5.08 12.71 -11.16
N GLY A 127 -6.39 12.82 -11.34
CA GLY A 127 -7.13 12.00 -12.28
C GLY A 127 -7.97 10.92 -11.63
N PHE A 128 -7.62 10.48 -10.42
CA PHE A 128 -8.37 9.42 -9.76
C PHE A 128 -9.81 9.83 -9.51
N ARG A 129 -10.01 11.01 -8.90
CA ARG A 129 -11.34 11.45 -8.51
C ARG A 129 -12.30 11.49 -9.70
N ASP A 130 -11.78 11.67 -10.91
CA ASP A 130 -12.64 11.78 -12.08
C ASP A 130 -13.02 10.43 -12.69
N LEU A 131 -12.44 9.33 -12.22
CA LEU A 131 -12.91 8.01 -12.59
C LEU A 131 -14.32 7.75 -12.04
N THR A 132 -14.96 6.70 -12.54
CA THR A 132 -16.26 6.30 -12.02
C THR A 132 -16.11 5.57 -10.69
N ALA A 133 -17.14 5.68 -9.84
CA ALA A 133 -17.05 5.08 -8.52
C ALA A 133 -16.72 3.60 -8.59
N GLU A 134 -17.21 2.91 -9.61
CA GLU A 134 -16.91 1.49 -9.76
C GLU A 134 -15.41 1.26 -9.90
N ASP A 135 -14.78 1.95 -10.87
CA ASP A 135 -13.34 1.77 -11.09
C ASP A 135 -12.54 2.17 -9.86
N GLN A 136 -12.91 3.27 -9.18
CA GLN A 136 -12.17 3.66 -7.99
C GLN A 136 -12.18 2.55 -6.97
N ILE A 137 -13.32 1.90 -6.79
CA ILE A 137 -13.43 0.82 -5.83
C ILE A 137 -12.68 -0.41 -6.33
N ALA A 138 -12.91 -0.78 -7.59
CA ALA A 138 -12.13 -1.86 -8.22
C ALA A 138 -10.64 -1.68 -8.01
N LEU A 139 -10.12 -0.47 -8.24
CA LEU A 139 -8.69 -0.24 -8.08
C LEU A 139 -8.28 -0.35 -6.63
N LEU A 140 -9.03 0.29 -5.73
CA LEU A 140 -8.76 0.23 -4.30
C LEU A 140 -8.83 -1.21 -3.79
N LYS A 141 -9.83 -1.96 -4.23
CA LYS A 141 -10.02 -3.28 -3.65
C LYS A 141 -8.87 -4.21 -4.01
N SER A 142 -8.38 -4.14 -5.25
CA SER A 142 -7.31 -5.03 -5.69
C SER A 142 -5.94 -4.56 -5.23
N SER A 143 -5.77 -3.26 -5.01
CA SER A 143 -4.43 -2.72 -4.83
C SER A 143 -4.14 -2.33 -3.39
N ALA A 144 -5.15 -2.34 -2.52
CA ALA A 144 -5.00 -1.81 -1.17
C ALA A 144 -3.83 -2.45 -0.44
N ILE A 145 -3.72 -3.78 -0.50
CA ILE A 145 -2.68 -4.44 0.27
C ILE A 145 -1.31 -4.14 -0.31
N GLU A 146 -1.21 -4.02 -1.63
CA GLU A 146 0.07 -3.63 -2.24
C GLU A 146 0.46 -2.22 -1.81
N ILE A 147 -0.51 -1.31 -1.71
CA ILE A 147 -0.17 0.04 -1.30
C ILE A 147 0.21 0.06 0.18
N ILE A 148 -0.41 -0.80 0.97
CA ILE A 148 -0.05 -0.90 2.37
C ILE A 148 1.35 -1.49 2.51
N MET A 149 1.61 -2.61 1.84
CA MET A 149 2.97 -3.16 1.81
C MET A 149 3.96 -2.08 1.40
N LEU A 150 3.59 -1.24 0.42
CA LEU A 150 4.50 -0.22 -0.08
C LEU A 150 4.70 0.87 0.96
N ARG A 151 3.60 1.36 1.54
CA ARG A 151 3.73 2.48 2.46
C ARG A 151 4.39 2.06 3.76
N SER A 152 4.29 0.77 4.09
CA SER A 152 4.92 0.24 5.29
C SER A 152 6.44 0.31 5.24
N ASN A 153 7.05 0.47 4.05
CA ASN A 153 8.50 0.47 4.01
C ASN A 153 9.06 1.67 4.79
N GLN A 154 8.29 2.75 4.88
CA GLN A 154 8.74 3.93 5.61
C GLN A 154 9.01 3.65 7.10
N SER A 155 8.35 2.62 7.68
CA SER A 155 8.60 2.22 9.07
C SER A 155 9.53 1.02 9.18
N PHE A 156 9.74 0.28 8.10
CA PHE A 156 10.65 -0.86 8.11
C PHE A 156 12.07 -0.41 8.40
N SER A 157 12.79 -1.26 9.10
CA SER A 157 14.15 -0.97 9.51
C SER A 157 15.02 -2.17 9.18
N LEU A 158 16.13 -1.92 8.47
CA LEU A 158 17.03 -3.00 8.08
C LEU A 158 17.79 -3.55 9.26
N GLU A 159 17.98 -2.76 10.32
CA GLU A 159 18.81 -3.21 11.43
C GLU A 159 18.14 -4.36 12.19
N ASP A 160 16.82 -4.30 12.38
CA ASP A 160 16.10 -5.33 13.15
C ASP A 160 15.13 -6.15 12.32
N MET A 161 14.91 -5.82 11.04
CA MET A 161 14.03 -6.59 10.17
C MET A 161 12.61 -6.61 10.71
N SER A 162 12.16 -5.47 11.19
CA SER A 162 10.83 -5.32 11.71
C SER A 162 10.30 -3.98 11.25
N TRP A 163 9.05 -3.71 11.59
CA TRP A 163 8.44 -2.42 11.37
C TRP A 163 8.41 -1.71 12.72
N SER A 164 9.23 -0.67 12.87
CA SER A 164 9.33 0.04 14.13
C SER A 164 8.41 1.26 14.09
N CYS A 165 7.19 1.10 14.61
CA CYS A 165 6.24 2.20 14.73
C CYS A 165 6.06 2.66 16.16
N GLY A 166 6.81 2.11 17.09
CA GLY A 166 6.72 2.55 18.45
C GLY A 166 7.82 1.90 19.26
N GLY A 167 7.61 1.85 20.57
CA GLY A 167 8.51 1.15 21.42
C GLY A 167 8.36 -0.34 21.23
N PRO A 168 8.49 -1.10 22.31
CA PRO A 168 8.27 -2.55 22.22
C PRO A 168 6.86 -2.92 21.76
N ASP A 169 5.88 -2.05 21.99
CA ASP A 169 4.50 -2.38 21.63
C ASP A 169 4.33 -2.46 20.11
N PHE A 170 4.65 -1.37 19.40
CA PHE A 170 4.38 -1.30 17.98
C PHE A 170 5.61 -1.62 17.12
N LYS A 171 6.61 -2.27 17.71
CA LYS A 171 7.68 -2.89 16.95
C LYS A 171 7.16 -4.25 16.46
N TYR A 172 6.95 -4.39 15.16
CA TYR A 172 6.29 -5.57 14.60
C TYR A 172 7.34 -6.49 14.00
N CYS A 173 7.71 -7.53 14.75
N CYS A 173 7.74 -7.52 14.75
CA CYS A 173 8.61 -8.54 14.23
CA CYS A 173 8.65 -8.50 14.19
C CYS A 173 7.89 -9.43 13.23
C CYS A 173 7.90 -9.44 13.26
N ILE A 174 8.63 -10.38 12.67
CA ILE A 174 7.99 -11.30 11.75
C ILE A 174 7.14 -12.30 12.50
N ASN A 175 7.53 -12.63 13.73
CA ASN A 175 6.77 -13.59 14.54
C ASN A 175 5.40 -13.03 14.93
N ASP A 176 5.30 -11.69 15.06
CA ASP A 176 4.03 -11.09 15.43
C ASP A 176 3.00 -11.25 14.32
N VAL A 177 3.41 -11.11 13.05
CA VAL A 177 2.44 -11.25 11.97
C VAL A 177 2.02 -12.69 11.79
N THR A 178 2.87 -13.64 12.17
CA THR A 178 2.42 -15.03 12.25
C THR A 178 1.25 -15.16 13.21
N LYS A 179 1.37 -14.56 14.40
CA LYS A 179 0.33 -14.63 15.41
C LYS A 179 -0.93 -13.92 14.95
N ALA A 180 -0.96 -13.44 13.72
CA ALA A 180 -2.18 -12.89 13.15
C ALA A 180 -2.77 -13.77 12.05
N GLY A 181 -2.26 -15.00 11.87
CA GLY A 181 -2.83 -15.94 10.93
C GLY A 181 -2.08 -16.11 9.62
N HIS A 182 -0.95 -15.45 9.42
CA HIS A 182 -0.22 -15.58 8.17
C HIS A 182 1.01 -16.46 8.36
N THR A 183 1.28 -17.30 7.37
CA THR A 183 2.40 -18.22 7.43
C THR A 183 3.64 -17.57 6.83
N LEU A 184 4.78 -18.28 6.95
CA LEU A 184 6.01 -17.74 6.38
C LEU A 184 5.96 -17.63 4.86
N GLU A 185 5.12 -18.44 4.18
CA GLU A 185 5.07 -18.38 2.73
C GLU A 185 4.64 -17.01 2.22
N LEU A 186 4.00 -16.20 3.06
CA LEU A 186 3.76 -14.80 2.75
C LEU A 186 4.82 -13.90 3.35
N LEU A 187 5.23 -14.16 4.59
CA LEU A 187 6.12 -13.26 5.31
C LEU A 187 7.55 -13.36 4.81
N GLU A 188 7.96 -14.53 4.32
CA GLU A 188 9.31 -14.64 3.78
C GLU A 188 9.52 -13.73 2.57
N PRO A 189 8.73 -13.82 1.49
CA PRO A 189 8.92 -12.85 0.40
C PRO A 189 8.64 -11.41 0.79
N LEU A 190 7.68 -11.17 1.69
CA LEU A 190 7.34 -9.79 2.04
C LEU A 190 8.51 -9.07 2.68
N VAL A 191 9.21 -9.73 3.61
CA VAL A 191 10.35 -9.11 4.26
C VAL A 191 11.46 -8.82 3.24
N LYS A 192 11.80 -9.82 2.42
CA LYS A 192 12.83 -9.62 1.39
C LYS A 192 12.44 -8.53 0.41
N PHE A 193 11.15 -8.46 0.07
CA PHE A 193 10.66 -7.32 -0.70
C PHE A 193 10.98 -6.02 0.02
N GLN A 194 10.82 -5.98 1.35
CA GLN A 194 11.02 -4.74 2.07
C GLN A 194 12.49 -4.34 2.11
N VAL A 195 13.39 -5.32 2.26
CA VAL A 195 14.81 -4.95 2.29
C VAL A 195 15.25 -4.47 0.92
N GLY A 196 14.79 -5.13 -0.15
CA GLY A 196 15.18 -4.73 -1.49
C GLY A 196 14.59 -3.39 -1.86
N LEU A 197 13.38 -3.11 -1.37
CA LEU A 197 12.80 -1.78 -1.53
C LEU A 197 13.56 -0.76 -0.69
N LYS A 198 13.95 -1.16 0.51
CA LYS A 198 14.69 -0.25 1.39
C LYS A 198 16.06 0.07 0.80
N LYS A 199 16.73 -0.94 0.21
CA LYS A 199 18.04 -0.70 -0.38
C LYS A 199 18.00 0.29 -1.54
N LEU A 200 16.83 0.43 -2.20
CA LEU A 200 16.72 1.40 -3.29
C LEU A 200 16.86 2.83 -2.82
N LYS A 201 16.67 3.08 -1.51
CA LYS A 201 16.82 4.42 -0.93
C LYS A 201 16.06 5.45 -1.75
N LEU A 202 14.82 5.10 -2.08
CA LEU A 202 13.96 5.96 -2.89
C LEU A 202 13.83 7.34 -2.28
N HIS A 203 13.84 8.36 -3.15
CA HIS A 203 13.42 9.68 -2.73
C HIS A 203 11.94 9.67 -2.37
N GLU A 204 11.50 10.68 -1.64
CA GLU A 204 10.10 10.79 -1.30
C GLU A 204 9.23 10.86 -2.55
N GLU A 205 9.68 11.63 -3.55
CA GLU A 205 8.95 11.75 -4.81
C GLU A 205 8.81 10.39 -5.48
N GLU A 206 9.83 9.54 -5.37
CA GLU A 206 9.77 8.26 -6.05
C GLU A 206 8.81 7.32 -5.34
N HIS A 207 8.99 7.18 -4.02
CA HIS A 207 8.08 6.39 -3.19
C HIS A 207 6.63 6.69 -3.49
N VAL A 208 6.29 7.97 -3.35
CA VAL A 208 4.94 8.44 -3.64
C VAL A 208 4.52 8.07 -5.06
N LEU A 209 5.33 8.48 -6.06
CA LEU A 209 5.03 8.16 -7.46
C LEU A 209 4.80 6.66 -7.64
N LEU A 210 5.61 5.83 -6.97
CA LEU A 210 5.44 4.40 -7.12
C LEU A 210 4.12 3.92 -6.54
N MET A 211 3.71 4.49 -5.39
CA MET A 211 2.43 4.11 -4.79
C MET A 211 1.29 4.46 -5.72
N ALA A 212 1.37 5.63 -6.38
CA ALA A 212 0.28 6.05 -7.26
C ALA A 212 0.29 5.26 -8.56
N ILE A 213 1.46 4.81 -8.99
CA ILE A 213 1.54 3.96 -10.18
C ILE A 213 0.94 2.59 -9.88
N CYS A 214 1.23 2.06 -8.69
CA CYS A 214 0.60 0.82 -8.25
C CYS A 214 -0.92 0.94 -8.27
N LEU A 215 -1.44 2.02 -7.70
CA LEU A 215 -2.88 2.21 -7.57
C LEU A 215 -3.58 2.39 -8.91
N LEU A 216 -2.86 2.72 -9.96
CA LEU A 216 -3.46 2.99 -11.26
C LEU A 216 -3.16 1.90 -12.28
N SER A 217 -3.00 0.67 -11.82
CA SER A 217 -2.79 -0.46 -12.71
C SER A 217 -4.09 -0.84 -13.41
N PRO A 218 -4.15 -0.85 -14.73
CA PRO A 218 -5.37 -1.30 -15.40
C PRO A 218 -5.58 -2.80 -15.29
N ASP A 219 -4.51 -3.58 -15.06
N ASP A 219 -4.52 -3.57 -15.01
CA ASP A 219 -4.60 -5.04 -14.98
CA ASP A 219 -4.58 -5.02 -14.97
C ASP A 219 -5.05 -5.44 -13.58
C ASP A 219 -5.06 -5.50 -13.60
N ARG A 220 -6.32 -5.16 -13.28
CA ARG A 220 -6.89 -5.55 -12.01
C ARG A 220 -8.32 -6.03 -12.18
N PRO A 221 -8.73 -7.05 -11.44
CA PRO A 221 -10.12 -7.54 -11.53
C PRO A 221 -11.09 -6.42 -11.21
N GLY A 222 -12.05 -6.19 -12.11
CA GLY A 222 -13.12 -5.25 -11.91
C GLY A 222 -13.06 -4.01 -12.79
N VAL A 223 -11.85 -3.52 -13.11
CA VAL A 223 -11.71 -2.30 -13.88
C VAL A 223 -12.58 -2.40 -15.13
N GLN A 224 -13.18 -1.27 -15.50
CA GLN A 224 -13.88 -1.17 -16.77
C GLN A 224 -13.14 -0.27 -17.76
N ASP A 225 -12.90 0.98 -17.40
CA ASP A 225 -12.23 1.91 -18.30
C ASP A 225 -10.72 1.77 -18.16
N HIS A 226 -10.22 0.58 -18.51
CA HIS A 226 -8.79 0.34 -18.46
C HIS A 226 -8.02 1.09 -19.54
N VAL A 227 -8.70 1.82 -20.43
CA VAL A 227 -8.01 2.76 -21.30
C VAL A 227 -7.68 4.04 -20.52
N ARG A 228 -8.68 4.63 -19.84
CA ARG A 228 -8.42 5.92 -19.22
C ARG A 228 -7.54 5.81 -17.98
N ILE A 229 -7.54 4.67 -17.28
CA ILE A 229 -6.60 4.60 -16.17
C ILE A 229 -5.22 4.18 -16.68
N GLU A 230 -5.18 3.43 -17.78
CA GLU A 230 -3.93 3.24 -18.52
C GLU A 230 -3.26 4.56 -18.84
N ALA A 231 -4.04 5.53 -19.33
CA ALA A 231 -3.50 6.86 -19.60
C ALA A 231 -2.98 7.53 -18.33
N LEU A 232 -3.74 7.47 -17.24
CA LEU A 232 -3.28 8.10 -16.01
C LEU A 232 -1.99 7.46 -15.52
N GLN A 233 -1.94 6.13 -15.54
CA GLN A 233 -0.70 5.45 -15.14
C GLN A 233 0.46 5.80 -16.07
N ASP A 234 0.19 5.98 -17.37
CA ASP A 234 1.27 6.33 -18.30
C ASP A 234 1.89 7.68 -17.96
N ARG A 235 1.06 8.71 -17.74
CA ARG A 235 1.57 10.02 -17.36
C ARG A 235 2.44 9.94 -16.11
N LEU A 236 2.06 9.10 -15.14
CA LEU A 236 2.81 8.98 -13.90
C LEU A 236 4.13 8.27 -14.11
N CYS A 237 4.11 7.18 -14.88
CA CYS A 237 5.37 6.55 -15.28
C CYS A 237 6.30 7.56 -15.97
N ASP A 238 5.74 8.38 -16.86
CA ASP A 238 6.55 9.41 -17.50
C ASP A 238 7.12 10.37 -16.48
N VAL A 239 6.33 10.72 -15.46
CA VAL A 239 6.83 11.61 -14.44
C VAL A 239 7.97 10.95 -13.68
N LEU A 240 7.81 9.67 -13.37
CA LEU A 240 8.82 8.99 -12.59
C LEU A 240 10.13 8.88 -13.35
N GLN A 241 10.06 8.57 -14.65
CA GLN A 241 11.27 8.46 -15.45
C GLN A 241 11.94 9.82 -15.63
N ALA A 242 11.16 10.84 -15.98
CA ALA A 242 11.67 12.20 -15.99
C ALA A 242 12.33 12.55 -14.67
N TYR A 243 11.67 12.22 -13.55
CA TYR A 243 12.20 12.57 -12.23
C TYR A 243 13.53 11.87 -11.98
N ILE A 244 13.59 10.56 -12.20
CA ILE A 244 14.83 9.84 -11.97
C ILE A 244 15.94 10.36 -12.88
N ARG A 245 15.64 10.51 -14.17
CA ARG A 245 16.65 10.94 -15.14
C ARG A 245 17.23 12.29 -14.76
N ILE A 246 16.38 13.21 -14.29
CA ILE A 246 16.81 14.60 -14.12
C ILE A 246 17.27 14.85 -12.69
N GLN A 247 16.67 14.15 -11.71
CA GLN A 247 16.83 14.53 -10.31
C GLN A 247 17.59 13.56 -9.43
N HIS A 248 18.03 12.41 -9.93
CA HIS A 248 18.62 11.38 -9.07
C HIS A 248 19.96 10.88 -9.61
N PRO A 249 21.09 11.34 -9.08
CA PRO A 249 22.38 10.85 -9.60
C PRO A 249 22.55 9.37 -9.30
N GLY A 250 23.07 8.64 -10.29
CA GLY A 250 23.20 7.20 -10.20
C GLY A 250 21.90 6.44 -10.33
N GLY A 251 20.80 7.11 -10.66
CA GLY A 251 19.51 6.45 -10.78
C GLY A 251 19.24 5.79 -12.12
N ARG A 252 20.20 5.86 -13.04
CA ARG A 252 20.07 5.35 -14.41
C ARG A 252 19.38 3.99 -14.49
N LEU A 253 19.51 3.16 -13.45
CA LEU A 253 18.91 1.84 -13.39
C LEU A 253 17.70 1.79 -12.47
N LEU A 254 17.34 2.90 -11.82
CA LEU A 254 16.36 2.83 -10.75
C LEU A 254 14.97 2.49 -11.27
N TYR A 255 14.54 3.18 -12.33
CA TYR A 255 13.20 2.96 -12.87
C TYR A 255 12.92 1.48 -13.10
N ALA A 256 13.85 0.78 -13.75
CA ALA A 256 13.64 -0.64 -14.06
C ALA A 256 13.48 -1.48 -12.80
N LYS A 257 14.32 -1.23 -11.77
CA LYS A 257 14.17 -1.98 -10.52
C LYS A 257 12.85 -1.68 -9.86
N MET A 258 12.39 -0.42 -9.93
CA MET A 258 11.14 -0.06 -9.26
C MET A 258 9.96 -0.78 -9.90
N ILE A 259 9.88 -0.73 -11.23
CA ILE A 259 8.81 -1.42 -11.92
C ILE A 259 8.87 -2.92 -11.69
N GLN A 260 10.08 -3.46 -11.50
CA GLN A 260 10.23 -4.85 -11.05
C GLN A 260 9.58 -5.07 -9.69
N LYS A 261 9.60 -4.05 -8.82
CA LYS A 261 8.98 -4.22 -7.52
C LYS A 261 7.47 -4.35 -7.62
N LEU A 262 6.84 -3.82 -8.67
CA LEU A 262 5.41 -3.99 -8.82
C LEU A 262 5.06 -5.45 -9.12
N ALA A 263 5.86 -6.13 -9.95
CA ALA A 263 5.62 -7.56 -10.18
C ALA A 263 5.78 -8.36 -8.89
N ASP A 264 6.74 -7.98 -8.05
CA ASP A 264 6.85 -8.59 -6.73
C ASP A 264 5.55 -8.42 -5.94
N LEU A 265 4.97 -7.21 -5.97
CA LEU A 265 3.78 -6.93 -5.20
C LEU A 265 2.61 -7.81 -5.62
N ARG A 266 2.40 -7.96 -6.93
CA ARG A 266 1.37 -8.88 -7.41
C ARG A 266 1.48 -10.24 -6.75
N SER A 267 2.71 -10.76 -6.66
CA SER A 267 2.93 -12.09 -6.10
C SER A 267 2.66 -12.10 -4.60
N LEU A 268 3.07 -11.04 -3.90
CA LEU A 268 2.71 -10.92 -2.49
C LEU A 268 1.20 -10.74 -2.32
N ASN A 269 0.56 -10.00 -3.23
CA ASN A 269 -0.86 -9.77 -3.15
C ASN A 269 -1.63 -11.08 -3.26
N GLU A 270 -1.25 -11.94 -4.20
CA GLU A 270 -1.87 -13.25 -4.32
C GLU A 270 -1.75 -14.04 -3.04
N GLU A 271 -0.53 -14.17 -2.52
CA GLU A 271 -0.31 -14.97 -1.33
C GLU A 271 -1.07 -14.42 -0.13
N HIS A 272 -1.25 -13.10 -0.06
CA HIS A 272 -2.00 -12.55 1.04
C HIS A 272 -3.47 -12.89 0.89
N SER A 273 -4.07 -12.56 -0.26
CA SER A 273 -5.48 -12.87 -0.50
C SER A 273 -5.78 -14.36 -0.33
N LYS A 274 -4.82 -15.23 -0.60
CA LYS A 274 -5.05 -16.65 -0.35
C LYS A 274 -5.15 -16.93 1.14
N GLN A 275 -4.25 -16.32 1.92
CA GLN A 275 -4.22 -16.60 3.35
C GLN A 275 -5.35 -15.87 4.07
N TYR A 276 -5.75 -14.72 3.57
CA TYR A 276 -6.91 -14.02 4.08
C TYR A 276 -8.18 -14.82 3.86
N ARG A 277 -8.37 -15.38 2.66
CA ARG A 277 -9.56 -16.17 2.40
C ARG A 277 -9.72 -17.24 3.46
N SER A 278 -8.59 -17.80 3.93
CA SER A 278 -8.62 -18.80 4.98
C SER A 278 -9.12 -18.22 6.30
N LEU A 279 -8.76 -16.98 6.61
CA LEU A 279 -9.25 -16.35 7.84
C LEU A 279 -10.74 -16.04 7.74
N SER A 280 -11.14 -15.41 6.64
CA SER A 280 -12.49 -14.91 6.50
C SER A 280 -13.53 -16.03 6.43
N PHE A 281 -13.14 -17.28 6.20
CA PHE A 281 -14.07 -18.41 6.21
C PHE A 281 -14.13 -19.11 7.56
N GLN A 282 -13.48 -18.55 8.59
CA GLN A 282 -13.56 -19.10 9.95
C GLN A 282 -14.17 -18.02 10.82
N PRO A 283 -15.46 -18.11 11.12
CA PRO A 283 -16.13 -17.01 11.82
C PRO A 283 -15.43 -16.58 13.10
N GLU A 284 -14.73 -17.49 13.76
CA GLU A 284 -14.05 -17.13 15.01
C GLU A 284 -12.93 -16.12 14.77
N HIS A 285 -12.29 -16.15 13.61
CA HIS A 285 -11.32 -15.12 13.31
C HIS A 285 -11.92 -13.96 12.55
N SER A 286 -12.90 -14.22 11.67
CA SER A 286 -13.43 -13.09 10.91
C SER A 286 -14.20 -12.13 11.80
N MET A 287 -14.65 -12.56 12.98
CA MET A 287 -15.30 -11.59 13.86
C MET A 287 -14.32 -10.60 14.46
N GLN A 288 -13.01 -10.93 14.46
CA GLN A 288 -11.97 -10.01 14.89
C GLN A 288 -11.60 -8.96 13.83
N LEU A 289 -12.07 -9.11 12.59
CA LEU A 289 -11.79 -8.10 11.59
C LEU A 289 -12.73 -6.90 11.75
N THR A 290 -12.34 -5.78 11.17
CA THR A 290 -13.20 -4.61 11.13
C THR A 290 -14.12 -4.71 9.92
N PRO A 291 -15.15 -3.87 9.84
CA PRO A 291 -16.01 -3.91 8.66
C PRO A 291 -15.32 -3.42 7.40
N LEU A 292 -14.50 -2.36 7.49
CA LEU A 292 -13.80 -1.87 6.30
C LEU A 292 -12.91 -2.95 5.70
N VAL A 293 -12.09 -3.57 6.55
CA VAL A 293 -11.28 -4.70 6.10
C VAL A 293 -12.14 -5.74 5.42
N LEU A 294 -13.26 -6.12 6.05
CA LEU A 294 -14.12 -7.14 5.45
C LEU A 294 -14.64 -6.69 4.08
N GLU A 295 -14.99 -5.42 3.95
CA GLU A 295 -15.51 -4.91 2.68
C GLU A 295 -14.41 -4.87 1.61
N VAL A 296 -13.22 -4.41 1.97
CA VAL A 296 -12.16 -4.16 0.99
C VAL A 296 -11.57 -5.48 0.49
N PHE A 297 -11.35 -6.44 1.38
CA PHE A 297 -10.75 -7.71 0.98
C PHE A 297 -11.80 -8.78 0.73
N GLY A 298 -13.07 -8.45 0.92
CA GLY A 298 -14.13 -9.38 0.65
C GLY A 298 -14.38 -9.57 -0.83
N SER A 299 -15.24 -10.52 -1.14
CA SER A 299 -15.45 -10.97 -2.52
C SER A 299 -16.88 -10.64 -2.92
N GLU A 300 -17.17 -9.37 -3.18
CA GLU A 300 -18.53 -8.98 -3.56
C GLU A 300 -18.59 -8.00 -4.72
N HIS B 2 -20.95 -2.37 -1.19
CA HIS B 2 -19.76 -1.66 -0.69
C HIS B 2 -20.14 -0.30 -0.07
N LYS B 3 -21.01 -0.34 0.94
CA LYS B 3 -21.53 0.91 1.51
C LYS B 3 -20.42 1.81 2.02
N ILE B 4 -19.37 1.22 2.60
CA ILE B 4 -18.39 2.00 3.34
C ILE B 4 -17.38 2.68 2.41
N LEU B 5 -16.93 1.97 1.38
CA LEU B 5 -15.99 2.58 0.43
C LEU B 5 -16.62 3.74 -0.31
N HIS B 6 -17.86 3.60 -0.75
CA HIS B 6 -18.59 4.72 -1.33
C HIS B 6 -18.55 5.94 -0.42
N ARG B 7 -18.88 5.76 0.87
CA ARG B 7 -18.89 6.90 1.78
C ARG B 7 -17.50 7.52 1.92
N LEU B 8 -16.49 6.68 2.11
CA LEU B 8 -15.12 7.16 2.28
C LEU B 8 -14.60 7.85 1.02
N LEU B 9 -15.13 7.51 -0.16
CA LEU B 9 -14.77 8.16 -1.40
C LEU B 9 -15.52 9.46 -1.63
N GLN B 10 -16.10 10.05 -0.58
CA GLN B 10 -16.88 11.29 -0.68
C GLN B 10 -17.89 11.28 -1.83
#